data_1C1Y
#
_entry.id   1C1Y
#
_cell.length_a   44.170
_cell.length_b   71.880
_cell.length_c   100.200
_cell.angle_alpha   90.00
_cell.angle_beta   90.00
_cell.angle_gamma   90.00
#
_symmetry.space_group_name_H-M   'P 21 21 21'
#
loop_
_entity.id
_entity.type
_entity.pdbx_description
1 polymer 'RAS-RELATED PROTEIN RAP-1A'
2 polymer 'PROTO-ONCOGENE SERINE/THREONINE PROTEIN KINASE RAF-1'
3 non-polymer 'MAGNESIUM ION'
4 non-polymer "GUANOSINE-5'-TRIPHOSPHATE"
5 non-polymer 'CALCIUM ION'
6 water water
#
loop_
_entity_poly.entity_id
_entity_poly.type
_entity_poly.pdbx_seq_one_letter_code
_entity_poly.pdbx_strand_id
1 'polypeptide(L)'
;MREYKLVVLGSGGVGKSALTVQFVQGIFVEKYDPTIEDSYRKQVEVDCQQCMLEILDTAGTEQFTAMRDLYMKNGQGFAL
VYSITAQSTFNDLQDLREQILRVKDTEDVPMILVGNKCDLEDERVVGKEQGQNLARQWCNCAFLESSAKSKINVNEIFYD
LVRQINR
;
A
2 'polypeptide(L)' SNTIRVFLPNKQRTVVNVRNGMSLHDCLMKALKVRGLQPECCAVFRLLHEHKGKKARLDWNTDAASLIGEELQVDFL B
#
loop_
_chem_comp.id
_chem_comp.type
_chem_comp.name
_chem_comp.formula
CA non-polymer 'CALCIUM ION' 'Ca 2'
GTP non-polymer GUANOSINE-5'-TRIPHOSPHATE 'C10 H16 N5 O14 P3'
MG non-polymer 'MAGNESIUM ION' 'Mg 2'
#
# COMPACT_ATOMS: atom_id res chain seq x y z
N MET A 1 21.49 -1.53 -7.02
CA MET A 1 20.97 -1.56 -5.62
C MET A 1 19.98 -2.70 -5.41
N ARG A 2 19.96 -3.24 -4.20
CA ARG A 2 19.05 -4.33 -3.87
C ARG A 2 17.63 -3.79 -3.67
N GLU A 3 16.65 -4.59 -4.07
CA GLU A 3 15.25 -4.20 -3.96
C GLU A 3 14.61 -4.88 -2.75
N TYR A 4 13.71 -4.16 -2.09
CA TYR A 4 13.02 -4.69 -0.91
C TYR A 4 11.51 -4.69 -1.13
N LYS A 5 10.88 -5.85 -1.02
CA LYS A 5 9.45 -5.98 -1.18
C LYS A 5 8.75 -5.90 0.19
N LEU A 6 8.23 -4.72 0.49
CA LEU A 6 7.53 -4.46 1.76
C LEU A 6 6.02 -4.49 1.56
N VAL A 7 5.30 -5.04 2.55
CA VAL A 7 3.84 -5.14 2.49
C VAL A 7 3.22 -4.50 3.72
N VAL A 8 2.28 -3.57 3.50
CA VAL A 8 1.58 -2.91 4.60
C VAL A 8 0.22 -3.58 4.76
N LEU A 9 0.01 -4.17 5.94
CA LEU A 9 -1.21 -4.92 6.28
C LEU A 9 -1.97 -4.31 7.47
N GLY A 10 -3.26 -4.62 7.55
CA GLY A 10 -4.08 -4.13 8.64
C GLY A 10 -5.53 -3.94 8.22
N SER A 11 -6.41 -3.76 9.20
CA SER A 11 -7.83 -3.56 8.93
C SER A 11 -8.14 -2.22 8.29
N GLY A 12 -9.37 -2.06 7.84
CA GLY A 12 -9.78 -0.84 7.18
C GLY A 12 -9.78 0.42 8.03
N GLY A 13 -9.36 1.52 7.41
CA GLY A 13 -9.35 2.81 8.08
C GLY A 13 -8.23 3.11 9.06
N VAL A 14 -7.27 2.20 9.22
CA VAL A 14 -6.17 2.45 10.16
C VAL A 14 -5.13 3.46 9.68
N GLY A 15 -5.05 3.67 8.37
CA GLY A 15 -4.10 4.63 7.83
C GLY A 15 -2.94 4.03 7.04
N LYS A 16 -3.11 2.81 6.54
CA LYS A 16 -2.07 2.14 5.75
C LYS A 16 -1.68 2.99 4.54
N SER A 17 -2.68 3.49 3.83
CA SER A 17 -2.45 4.34 2.66
C SER A 17 -1.87 5.70 3.02
N ALA A 18 -2.43 6.31 4.06
CA ALA A 18 -1.94 7.62 4.51
C ALA A 18 -0.46 7.54 4.90
N LEU A 19 -0.08 6.47 5.60
CA LEU A 19 1.32 6.26 6.00
C LEU A 19 2.21 6.08 4.77
N THR A 20 1.77 5.21 3.86
CA THR A 20 2.51 4.93 2.64
C THR A 20 2.71 6.15 1.75
N VAL A 21 1.64 6.88 1.48
CA VAL A 21 1.70 8.07 0.63
C VAL A 21 2.50 9.18 1.31
N GLN A 22 2.44 9.25 2.64
CA GLN A 22 3.20 10.24 3.38
C GLN A 22 4.68 9.92 3.21
N PHE A 23 5.01 8.64 3.25
CA PHE A 23 6.40 8.21 3.09
C PHE A 23 6.95 8.43 1.68
N VAL A 24 6.16 8.05 0.67
N VAL A 24 6.20 7.98 0.67
CA VAL A 24 6.56 8.20 -0.72
CA VAL A 24 6.65 8.11 -0.72
C VAL A 24 6.50 9.48 -1.37
C VAL A 24 6.41 9.60 -1.30
N GLN A 25 5.22 10.17 -1.21
N GLN A 25 5.38 10.17 -1.13
CA GLN A 25 4.94 11.49 -1.78
CA GLN A 25 5.15 11.46 -1.76
C GLN A 25 5.03 12.67 -0.81
C GLN A 25 5.24 12.65 -0.81
N GLY A 26 5.16 12.38 0.49
CA GLY A 26 5.25 13.44 1.47
C GLY A 26 4.03 14.31 1.61
N ILE A 27 2.86 13.76 1.25
CA ILE A 27 1.60 14.49 1.36
C ILE A 27 0.61 13.67 2.20
N PHE A 28 -0.30 14.36 2.87
CA PHE A 28 -1.29 13.69 3.71
C PHE A 28 -2.65 13.55 3.04
N VAL A 29 -3.12 12.31 2.94
CA VAL A 29 -4.43 12.02 2.34
C VAL A 29 -5.48 12.19 3.44
N GLU A 30 -6.27 13.26 3.35
CA GLU A 30 -7.31 13.54 4.33
C GLU A 30 -8.56 12.69 4.14
N LYS A 31 -8.93 12.44 2.90
CA LYS A 31 -10.12 11.65 2.60
C LYS A 31 -9.87 10.14 2.71
N TYR A 32 -10.92 9.40 3.02
CA TYR A 32 -10.83 7.97 3.12
C TYR A 32 -11.42 7.28 1.90
N ASP A 33 -10.53 6.80 1.02
CA ASP A 33 -10.93 6.08 -0.18
C ASP A 33 -10.33 4.68 -0.01
N PRO A 34 -11.18 3.67 0.26
CA PRO A 34 -10.77 2.28 0.46
C PRO A 34 -9.90 1.71 -0.65
N THR A 35 -8.77 1.12 -0.24
CA THR A 35 -7.82 0.53 -1.18
C THR A 35 -8.27 -0.82 -1.71
N ILE A 36 -7.96 -1.07 -2.97
CA ILE A 36 -8.26 -2.36 -3.57
C ILE A 36 -6.90 -3.03 -3.74
N GLU A 37 -5.99 -2.34 -4.42
CA GLU A 37 -4.65 -2.85 -4.67
C GLU A 37 -3.79 -1.68 -5.15
N ASP A 38 -2.68 -1.42 -4.46
CA ASP A 38 -1.79 -0.32 -4.83
C ASP A 38 -0.34 -0.63 -4.52
N SER A 39 0.56 -0.31 -5.46
CA SER A 39 1.98 -0.51 -5.21
C SER A 39 2.70 0.78 -5.49
N TYR A 40 3.71 1.05 -4.68
CA TYR A 40 4.52 2.25 -4.81
C TYR A 40 5.98 1.84 -4.78
N ARG A 41 6.83 2.68 -5.33
CA ARG A 41 8.26 2.41 -5.34
C ARG A 41 8.97 3.70 -4.96
N LYS A 42 10.00 3.58 -4.14
CA LYS A 42 10.75 4.74 -3.71
C LYS A 42 12.21 4.39 -3.48
N GLN A 43 13.09 5.22 -4.03
CA GLN A 43 14.52 5.05 -3.89
C GLN A 43 14.88 5.75 -2.59
N VAL A 44 15.45 5.01 -1.64
CA VAL A 44 15.80 5.59 -0.35
C VAL A 44 17.19 5.21 0.17
N GLU A 45 17.80 6.15 0.89
CA GLU A 45 19.11 5.95 1.49
C GLU A 45 18.94 5.46 2.93
N VAL A 46 19.22 4.18 3.15
CA VAL A 46 19.10 3.59 4.48
C VAL A 46 20.48 3.15 4.96
N ASP A 47 20.91 3.71 6.09
CA ASP A 47 22.23 3.40 6.66
C ASP A 47 23.33 3.69 5.65
N CYS A 48 23.21 4.85 4.99
CA CYS A 48 24.17 5.29 3.98
C CYS A 48 24.26 4.34 2.77
N GLN A 49 23.14 3.71 2.43
CA GLN A 49 23.08 2.78 1.30
C GLN A 49 21.84 3.00 0.46
N GLN A 50 22.00 3.00 -0.87
CA GLN A 50 20.88 3.19 -1.79
C GLN A 50 20.03 1.92 -1.81
N CYS A 51 18.73 2.08 -1.55
CA CYS A 51 17.82 0.96 -1.53
C CYS A 51 16.58 1.27 -2.37
N MET A 52 16.08 0.27 -3.08
N MET A 52 16.08 0.26 -3.07
CA MET A 52 14.88 0.41 -3.88
CA MET A 52 14.88 0.41 -3.88
C MET A 52 13.75 -0.29 -3.14
C MET A 52 13.75 -0.29 -3.16
N LEU A 53 12.78 0.48 -2.68
CA LEU A 53 11.65 -0.06 -1.95
C LEU A 53 10.39 -0.20 -2.79
N GLU A 54 9.81 -1.40 -2.78
CA GLU A 54 8.56 -1.64 -3.48
C GLU A 54 7.57 -1.90 -2.35
N ILE A 55 6.65 -0.97 -2.17
CA ILE A 55 5.67 -1.08 -1.10
C ILE A 55 4.30 -1.44 -1.61
N LEU A 56 3.77 -2.57 -1.11
CA LEU A 56 2.45 -3.01 -1.49
C LEU A 56 1.46 -2.58 -0.41
N ASP A 57 0.56 -1.68 -0.79
CA ASP A 57 -0.46 -1.17 0.10
C ASP A 57 -1.69 -2.04 -0.14
N THR A 58 -2.16 -2.72 0.91
CA THR A 58 -3.29 -3.63 0.78
C THR A 58 -4.67 -3.15 1.22
N ALA A 59 -5.69 -3.88 0.79
CA ALA A 59 -7.08 -3.59 1.14
C ALA A 59 -7.33 -4.02 2.58
N GLY A 60 -7.95 -3.15 3.38
CA GLY A 60 -8.25 -3.51 4.76
C GLY A 60 -9.29 -4.60 4.85
N THR A 61 -10.12 -4.71 3.82
CA THR A 61 -11.15 -5.73 3.77
C THR A 61 -11.11 -6.47 2.44
N GLU A 62 -10.76 -7.75 2.51
CA GLU A 62 -10.70 -8.61 1.32
C GLU A 62 -11.89 -9.55 1.31
N GLN A 63 -12.61 -9.60 0.19
CA GLN A 63 -13.76 -10.48 0.07
C GLN A 63 -13.25 -11.91 0.15
N PHE A 64 -12.14 -12.17 -0.55
CA PHE A 64 -11.49 -13.48 -0.57
C PHE A 64 -10.17 -13.35 0.20
N THR A 65 -10.17 -13.83 1.43
CA THR A 65 -8.98 -13.76 2.30
C THR A 65 -7.75 -14.48 1.72
N ALA A 66 -8.00 -15.47 0.86
CA ALA A 66 -6.93 -16.24 0.24
C ALA A 66 -5.99 -15.39 -0.62
N MET A 67 -6.47 -14.22 -1.03
CA MET A 67 -5.67 -13.31 -1.85
C MET A 67 -4.44 -12.81 -1.07
N ARG A 68 -4.58 -12.70 0.24
CA ARG A 68 -3.49 -12.24 1.10
C ARG A 68 -2.29 -13.17 1.07
N ASP A 69 -2.55 -14.46 0.92
CA ASP A 69 -1.50 -15.47 0.85
C ASP A 69 -0.53 -15.17 -0.28
N LEU A 70 -1.07 -14.70 -1.40
CA LEU A 70 -0.28 -14.37 -2.58
C LEU A 70 0.77 -13.29 -2.38
N TYR A 71 0.39 -12.20 -1.71
N TYR A 71 0.38 -12.22 -1.69
CA TYR A 71 1.37 -11.14 -1.49
CA TYR A 71 1.25 -11.09 -1.44
C TYR A 71 2.26 -11.33 -0.27
C TYR A 71 2.21 -11.29 -0.26
N MET A 72 1.85 -12.20 0.64
CA MET A 72 2.67 -12.50 1.82
C MET A 72 3.85 -13.37 1.43
N LYS A 73 3.65 -14.26 0.46
CA LYS A 73 4.72 -15.15 -0.01
C LYS A 73 5.86 -14.33 -0.61
N ASN A 74 5.51 -13.36 -1.45
CA ASN A 74 6.48 -12.49 -2.11
C ASN A 74 7.06 -11.43 -1.19
N GLY A 75 6.28 -11.02 -0.20
CA GLY A 75 6.74 -9.99 0.72
C GLY A 75 7.94 -10.41 1.55
N GLN A 76 8.89 -9.49 1.69
CA GLN A 76 10.09 -9.71 2.48
C GLN A 76 9.89 -9.21 3.90
N GLY A 77 9.30 -8.01 4.01
CA GLY A 77 9.05 -7.41 5.31
C GLY A 77 7.60 -6.97 5.41
N PHE A 78 7.04 -7.05 6.62
CA PHE A 78 5.64 -6.68 6.84
C PHE A 78 5.40 -5.64 7.93
N ALA A 79 4.49 -4.71 7.65
CA ALA A 79 4.13 -3.69 8.62
C ALA A 79 2.69 -3.97 8.99
N LEU A 80 2.47 -4.32 10.26
N LEU A 80 2.46 -4.34 10.26
CA LEU A 80 1.14 -4.59 10.78
CA LEU A 80 1.10 -4.60 10.73
C LEU A 80 0.63 -3.32 11.43
C LEU A 80 0.61 -3.35 11.43
N VAL A 81 -0.35 -2.68 10.78
CA VAL A 81 -0.90 -1.43 11.30
C VAL A 81 -2.29 -1.51 11.90
N TYR A 82 -2.44 -0.85 13.04
CA TYR A 82 -3.72 -0.75 13.73
C TYR A 82 -3.85 0.73 14.10
N SER A 83 -5.06 1.13 14.46
CA SER A 83 -5.29 2.52 14.87
C SER A 83 -5.49 2.52 16.38
N ILE A 84 -4.83 3.45 17.08
CA ILE A 84 -4.96 3.53 18.53
C ILE A 84 -6.36 4.01 18.94
N THR A 85 -7.17 4.42 17.97
CA THR A 85 -8.52 4.90 18.22
C THR A 85 -9.59 3.85 17.93
N ALA A 86 -9.17 2.64 17.54
CA ALA A 86 -10.11 1.58 17.20
C ALA A 86 -9.60 0.23 17.71
N GLN A 87 -10.19 -0.23 18.81
CA GLN A 87 -9.80 -1.49 19.43
C GLN A 87 -9.87 -2.70 18.52
N SER A 88 -10.93 -2.80 17.72
CA SER A 88 -11.10 -3.93 16.82
C SER A 88 -9.92 -4.10 15.86
N THR A 89 -9.34 -2.99 15.42
CA THR A 89 -8.20 -3.05 14.49
C THR A 89 -6.96 -3.65 15.14
N PHE A 90 -6.84 -3.44 16.46
CA PHE A 90 -5.71 -3.97 17.21
C PHE A 90 -5.91 -5.47 17.42
N ASN A 91 -7.16 -5.87 17.68
CA ASN A 91 -7.48 -7.27 17.89
C ASN A 91 -7.45 -8.09 16.59
N ASP A 92 -7.59 -7.43 15.45
CA ASP A 92 -7.58 -8.11 14.15
C ASP A 92 -6.18 -8.56 13.74
N LEU A 93 -5.16 -7.94 14.32
CA LEU A 93 -3.78 -8.23 13.96
C LEU A 93 -3.25 -9.62 14.33
N GLN A 94 -3.91 -10.27 15.28
CA GLN A 94 -3.48 -11.61 15.69
C GLN A 94 -3.65 -12.61 14.55
N ASP A 95 -4.81 -12.58 13.90
CA ASP A 95 -5.08 -13.48 12.77
C ASP A 95 -4.17 -13.19 11.59
N LEU A 96 -3.88 -11.91 11.34
CA LEU A 96 -3.01 -11.53 10.23
C LEU A 96 -1.61 -12.07 10.39
N ARG A 97 -1.04 -11.94 11.60
CA ARG A 97 0.31 -12.42 11.85
C ARG A 97 0.39 -13.93 11.72
N GLU A 98 -0.64 -14.62 12.18
CA GLU A 98 -0.69 -16.08 12.09
C GLU A 98 -0.79 -16.53 10.63
N GLN A 99 -1.46 -15.72 9.82
CA GLN A 99 -1.61 -16.02 8.40
C GLN A 99 -0.25 -15.86 7.71
N ILE A 100 0.51 -14.86 8.15
CA ILE A 100 1.84 -14.60 7.60
C ILE A 100 2.77 -15.78 7.93
N LEU A 101 2.70 -16.24 9.17
CA LEU A 101 3.52 -17.35 9.62
C LEU A 101 3.10 -18.66 8.96
N ARG A 102 1.81 -18.80 8.70
CA ARG A 102 1.28 -20.00 8.05
C ARG A 102 1.71 -20.10 6.59
N VAL A 103 1.92 -18.95 5.96
CA VAL A 103 2.33 -18.91 4.56
C VAL A 103 3.81 -19.24 4.39
N LYS A 104 4.64 -18.78 5.32
CA LYS A 104 6.07 -19.04 5.26
C LYS A 104 6.53 -20.24 6.08
N ASP A 105 5.73 -20.62 7.07
CA ASP A 105 6.01 -21.76 7.94
C ASP A 105 7.20 -21.55 8.86
N THR A 106 7.77 -20.35 8.82
CA THR A 106 8.92 -19.99 9.66
C THR A 106 8.43 -18.97 10.68
N GLU A 107 8.72 -19.23 11.95
CA GLU A 107 8.32 -18.34 13.03
C GLU A 107 9.10 -17.03 13.00
N ASP A 108 10.11 -16.95 12.11
CA ASP A 108 10.93 -15.77 11.99
C ASP A 108 10.70 -15.04 10.66
N VAL A 109 10.01 -13.91 10.75
CA VAL A 109 9.71 -13.08 9.58
C VAL A 109 9.86 -11.62 10.00
N PRO A 110 10.67 -10.84 9.25
CA PRO A 110 10.86 -9.43 9.60
C PRO A 110 9.56 -8.63 9.53
N MET A 111 9.15 -8.06 10.65
CA MET A 111 7.94 -7.26 10.71
C MET A 111 7.99 -6.20 11.79
N ILE A 112 7.02 -5.29 11.72
CA ILE A 112 6.93 -4.20 12.68
C ILE A 112 5.47 -3.90 13.00
N LEU A 113 5.17 -3.79 14.29
CA LEU A 113 3.82 -3.49 14.76
C LEU A 113 3.72 -1.97 14.84
N VAL A 114 2.69 -1.41 14.20
CA VAL A 114 2.52 0.03 14.16
C VAL A 114 1.17 0.51 14.68
N GLY A 115 1.23 1.30 15.75
CA GLY A 115 0.01 1.87 16.31
C GLY A 115 -0.10 3.25 15.70
N ASN A 116 -0.91 3.38 14.66
CA ASN A 116 -1.09 4.64 13.96
C ASN A 116 -2.15 5.57 14.54
N LYS A 117 -2.13 6.82 14.08
CA LYS A 117 -3.04 7.88 14.51
C LYS A 117 -2.75 8.36 15.93
N CYS A 118 -1.47 8.31 16.32
CA CYS A 118 -1.07 8.73 17.66
C CYS A 118 -1.28 10.22 17.95
N ASP A 119 -1.70 10.97 16.93
CA ASP A 119 -1.96 12.39 17.08
C ASP A 119 -3.35 12.58 17.71
N LEU A 120 -4.15 11.52 17.72
CA LEU A 120 -5.50 11.56 18.29
C LEU A 120 -5.48 11.00 19.72
N GLU A 121 -4.65 11.60 20.57
CA GLU A 121 -4.50 11.17 21.95
C GLU A 121 -5.81 11.13 22.76
N ASP A 122 -6.70 12.08 22.52
CA ASP A 122 -7.97 12.14 23.25
C ASP A 122 -8.90 10.99 22.92
N GLU A 123 -8.72 10.38 21.74
CA GLU A 123 -9.57 9.28 21.30
C GLU A 123 -8.89 7.93 21.45
N ARG A 124 -7.73 7.90 22.10
CA ARG A 124 -7.01 6.65 22.29
C ARG A 124 -7.80 5.63 23.10
N VAL A 125 -7.93 4.42 22.55
CA VAL A 125 -8.62 3.32 23.24
C VAL A 125 -7.72 2.09 23.31
N VAL A 126 -6.50 2.24 22.80
CA VAL A 126 -5.49 1.19 22.82
C VAL A 126 -4.25 1.86 23.41
N GLY A 127 -3.76 1.33 24.52
CA GLY A 127 -2.59 1.91 25.16
C GLY A 127 -1.26 1.61 24.47
N LYS A 128 -0.26 2.45 24.75
CA LYS A 128 1.07 2.28 24.18
C LYS A 128 1.72 1.01 24.73
N GLU A 129 1.64 0.85 26.05
CA GLU A 129 2.20 -0.34 26.71
C GLU A 129 1.49 -1.60 26.23
N GLN A 130 0.19 -1.47 25.99
CA GLN A 130 -0.64 -2.57 25.50
C GLN A 130 -0.10 -3.05 24.16
N GLY A 131 0.29 -2.11 23.31
CA GLY A 131 0.84 -2.44 22.00
C GLY A 131 2.25 -3.00 22.14
N GLN A 132 3.02 -2.41 23.04
CA GLN A 132 4.39 -2.84 23.31
C GLN A 132 4.40 -4.26 23.85
N ASN A 133 3.38 -4.59 24.65
CA ASN A 133 3.24 -5.93 25.23
C ASN A 133 2.94 -6.98 24.17
N LEU A 134 2.12 -6.61 23.18
CA LEU A 134 1.77 -7.53 22.10
C LEU A 134 3.03 -7.83 21.28
N ALA A 135 3.80 -6.78 20.99
CA ALA A 135 5.04 -6.92 20.23
C ALA A 135 6.02 -7.83 20.97
N ARG A 136 6.14 -7.63 22.28
CA ARG A 136 7.03 -8.43 23.11
C ARG A 136 6.57 -9.88 23.07
N GLN A 137 5.25 -10.06 23.07
CA GLN A 137 4.63 -11.38 23.01
C GLN A 137 4.88 -12.03 21.65
N TRP A 138 5.16 -11.20 20.64
CA TRP A 138 5.42 -11.68 19.29
C TRP A 138 6.93 -11.83 19.06
N CYS A 139 7.62 -12.40 20.04
CA CYS A 139 9.05 -12.63 19.99
C CYS A 139 9.86 -11.35 19.83
N ASN A 140 9.58 -10.37 20.69
CA ASN A 140 10.25 -9.07 20.69
C ASN A 140 10.20 -8.34 19.34
N CYS A 141 9.07 -8.50 18.64
CA CYS A 141 8.85 -7.85 17.35
C CYS A 141 8.96 -6.34 17.52
N ALA A 142 9.52 -5.65 16.53
CA ALA A 142 9.66 -4.20 16.59
C ALA A 142 8.30 -3.54 16.77
N PHE A 143 8.29 -2.37 17.42
CA PHE A 143 7.05 -1.64 17.68
C PHE A 143 7.25 -0.13 17.73
N LEU A 144 6.22 0.59 17.30
CA LEU A 144 6.26 2.04 17.32
C LEU A 144 4.87 2.60 17.04
N GLU A 145 4.63 3.80 17.55
CA GLU A 145 3.37 4.47 17.33
C GLU A 145 3.70 5.55 16.34
N SER A 146 2.80 5.76 15.39
CA SER A 146 3.04 6.74 14.34
C SER A 146 1.85 7.63 14.08
N SER A 147 2.07 8.61 13.22
CA SER A 147 1.04 9.53 12.79
C SER A 147 1.33 9.98 11.38
N ALA A 148 0.48 9.55 10.45
CA ALA A 148 0.63 9.94 9.05
C ALA A 148 0.33 11.43 8.92
N LYS A 149 -0.50 11.95 9.83
CA LYS A 149 -0.88 13.36 9.82
C LYS A 149 0.19 14.30 10.35
N SER A 150 0.73 13.97 11.52
CA SER A 150 1.76 14.79 12.16
C SER A 150 3.18 14.41 11.75
N LYS A 151 3.29 13.43 10.86
CA LYS A 151 4.59 12.96 10.37
C LYS A 151 5.48 12.46 11.51
N ILE A 152 4.94 11.54 12.32
CA ILE A 152 5.70 10.97 13.43
C ILE A 152 5.99 9.51 13.15
N ASN A 153 7.27 9.16 13.16
CA ASN A 153 7.73 7.79 12.92
C ASN A 153 7.26 7.19 11.60
N VAL A 154 7.09 8.04 10.58
CA VAL A 154 6.65 7.57 9.26
C VAL A 154 7.79 6.83 8.55
N ASN A 155 8.91 7.52 8.36
CA ASN A 155 10.08 6.93 7.70
C ASN A 155 10.59 5.70 8.46
N GLU A 156 10.59 5.82 9.79
CA GLU A 156 11.06 4.78 10.70
C GLU A 156 10.46 3.40 10.46
N ILE A 157 9.17 3.35 10.11
CA ILE A 157 8.49 2.08 9.86
C ILE A 157 9.22 1.32 8.75
N PHE A 158 9.48 2.02 7.65
CA PHE A 158 10.13 1.42 6.50
C PHE A 158 11.64 1.20 6.66
N TYR A 159 12.32 2.18 7.26
CA TYR A 159 13.77 2.06 7.48
C TYR A 159 14.08 0.84 8.35
N ASP A 160 13.25 0.64 9.38
CA ASP A 160 13.45 -0.49 10.30
C ASP A 160 13.25 -1.84 9.61
N LEU A 161 12.27 -1.93 8.72
CA LEU A 161 12.01 -3.17 8.01
C LEU A 161 13.21 -3.57 7.14
N VAL A 162 13.83 -2.55 6.53
CA VAL A 162 14.99 -2.77 5.68
C VAL A 162 16.14 -3.33 6.52
N ARG A 163 16.33 -2.75 7.71
CA ARG A 163 17.38 -3.20 8.62
C ARG A 163 17.19 -4.66 9.00
N GLN A 164 15.94 -5.05 9.27
CA GLN A 164 15.63 -6.43 9.64
C GLN A 164 15.90 -7.37 8.47
N ILE A 165 15.59 -6.92 7.26
CA ILE A 165 15.79 -7.73 6.06
C ILE A 165 17.26 -8.05 5.80
N ASN A 166 18.15 -7.07 5.88
CA ASN A 166 19.56 -7.35 5.69
C ASN A 166 20.17 -7.98 6.95
N ARG A 167 19.30 -8.72 7.64
CA ARG A 167 19.53 -9.49 8.87
C ARG A 167 20.57 -9.03 9.89
N SER B 1 -17.71 -7.06 -10.66
CA SER B 1 -16.76 -6.06 -10.07
C SER B 1 -16.41 -5.00 -11.10
N ASN B 2 -16.71 -3.76 -10.77
CA ASN B 2 -16.45 -2.64 -11.67
C ASN B 2 -15.05 -2.06 -11.45
N THR B 3 -14.02 -2.84 -11.75
CA THR B 3 -12.65 -2.37 -11.56
C THR B 3 -11.81 -2.42 -12.82
N ILE B 4 -10.67 -1.73 -12.77
CA ILE B 4 -9.71 -1.70 -13.87
C ILE B 4 -8.33 -1.73 -13.23
N ARG B 5 -7.46 -2.61 -13.70
CA ARG B 5 -6.10 -2.68 -13.19
C ARG B 5 -5.25 -1.83 -14.13
N VAL B 6 -4.41 -0.97 -13.56
CA VAL B 6 -3.59 -0.09 -14.37
C VAL B 6 -2.13 -0.14 -13.96
N PHE B 7 -1.27 -0.43 -14.94
CA PHE B 7 0.16 -0.49 -14.72
C PHE B 7 0.69 0.92 -14.94
N LEU B 8 1.47 1.38 -13.98
CA LEU B 8 2.01 2.73 -13.99
C LEU B 8 3.53 2.76 -14.14
N PRO B 9 4.09 3.95 -14.42
CA PRO B 9 5.54 4.11 -14.57
C PRO B 9 6.25 3.71 -13.28
N ASN B 10 7.54 3.41 -13.41
CA ASN B 10 8.38 3.00 -12.29
C ASN B 10 7.86 1.73 -11.63
N LYS B 11 7.39 0.81 -12.47
CA LYS B 11 6.91 -0.51 -12.04
C LYS B 11 5.87 -0.50 -10.91
N GLN B 12 4.94 0.44 -10.97
CA GLN B 12 3.88 0.57 -9.97
C GLN B 12 2.57 0.14 -10.60
N ARG B 13 1.54 -0.01 -9.78
N ARG B 13 1.53 -0.02 -9.79
CA ARG B 13 0.23 -0.43 -10.27
CA ARG B 13 0.23 -0.42 -10.29
C ARG B 13 -0.87 0.02 -9.32
C ARG B 13 -0.87 -0.01 -9.32
N THR B 14 -2.10 0.04 -9.83
CA THR B 14 -3.24 0.42 -9.01
C THR B 14 -4.46 -0.25 -9.62
N VAL B 15 -5.45 -0.51 -8.77
CA VAL B 15 -6.71 -1.07 -9.25
C VAL B 15 -7.70 -0.02 -8.77
N VAL B 16 -8.47 0.54 -9.69
CA VAL B 16 -9.43 1.57 -9.36
C VAL B 16 -10.88 1.15 -9.57
N ASN B 17 -11.77 1.72 -8.77
CA ASN B 17 -13.20 1.47 -8.87
C ASN B 17 -13.76 2.38 -9.95
N VAL B 18 -14.68 1.85 -10.74
CA VAL B 18 -15.30 2.63 -11.79
C VAL B 18 -16.78 2.80 -11.49
N ARG B 19 -17.21 4.06 -11.44
CA ARG B 19 -18.61 4.37 -11.21
C ARG B 19 -19.13 4.99 -12.50
N ASN B 20 -20.30 4.52 -12.95
CA ASN B 20 -20.91 5.02 -14.17
C ASN B 20 -20.87 6.55 -14.26
N GLY B 21 -20.47 7.04 -15.43
CA GLY B 21 -20.37 8.47 -15.63
C GLY B 21 -18.93 8.97 -15.62
N MET B 22 -18.05 8.29 -14.89
CA MET B 22 -16.64 8.71 -14.84
C MET B 22 -15.91 8.49 -16.15
N SER B 23 -15.01 9.42 -16.47
CA SER B 23 -14.18 9.26 -17.66
C SER B 23 -12.90 8.60 -17.12
N LEU B 24 -12.06 8.09 -18.02
CA LEU B 24 -10.81 7.43 -17.63
C LEU B 24 -9.97 8.35 -16.73
N HIS B 25 -9.90 9.62 -17.10
N HIS B 25 -9.92 9.62 -17.11
CA HIS B 25 -9.16 10.62 -16.34
CA HIS B 25 -9.18 10.65 -16.37
C HIS B 25 -9.68 10.71 -14.91
C HIS B 25 -9.69 10.73 -14.93
N ASP B 26 -11.00 10.62 -14.76
CA ASP B 26 -11.62 10.68 -13.45
C ASP B 26 -11.28 9.52 -12.51
N CYS B 27 -11.32 8.30 -13.03
N CYS B 27 -11.34 8.29 -13.01
CA CYS B 27 -11.02 7.11 -12.23
CA CYS B 27 -11.05 7.14 -12.16
C CYS B 27 -9.57 7.00 -11.80
C CYS B 27 -9.57 7.04 -11.79
N LEU B 28 -8.68 7.62 -12.59
CA LEU B 28 -7.25 7.57 -12.32
C LEU B 28 -6.61 8.82 -11.71
N MET B 29 -7.38 9.88 -11.56
N MET B 29 -7.39 9.88 -11.55
CA MET B 29 -6.88 11.14 -10.99
CA MET B 29 -6.91 11.13 -10.99
C MET B 29 -6.10 11.00 -9.68
C MET B 29 -6.12 11.00 -9.69
N LYS B 30 -6.73 10.40 -8.67
CA LYS B 30 -6.08 10.22 -7.38
C LYS B 30 -4.83 9.35 -7.43
N ALA B 31 -4.92 8.20 -8.10
CA ALA B 31 -3.79 7.28 -8.23
C ALA B 31 -2.56 7.96 -8.87
N LEU B 32 -2.81 8.84 -9.84
CA LEU B 32 -1.72 9.56 -10.49
C LEU B 32 -1.16 10.65 -9.58
N LYS B 33 -2.06 11.37 -8.92
CA LYS B 33 -1.68 12.47 -8.02
C LYS B 33 -0.80 12.05 -6.84
N VAL B 34 -1.15 10.95 -6.18
CA VAL B 34 -0.36 10.48 -5.04
C VAL B 34 1.00 9.92 -5.44
N ARG B 35 1.23 9.78 -6.75
CA ARG B 35 2.52 9.28 -7.26
C ARG B 35 3.26 10.39 -8.01
N GLY B 36 2.69 11.60 -7.97
CA GLY B 36 3.29 12.75 -8.63
C GLY B 36 3.27 12.69 -10.14
N LEU B 37 2.31 11.97 -10.70
CA LEU B 37 2.18 11.83 -12.15
C LEU B 37 1.10 12.74 -12.69
N GLN B 38 1.34 13.28 -13.89
CA GLN B 38 0.37 14.18 -14.53
C GLN B 38 -0.11 13.57 -15.84
N PRO B 39 -1.44 13.38 -15.97
CA PRO B 39 -2.04 12.81 -17.18
C PRO B 39 -1.69 13.50 -18.49
N GLU B 40 -1.52 14.82 -18.46
CA GLU B 40 -1.18 15.56 -19.67
C GLU B 40 0.22 15.22 -20.19
N CYS B 41 1.04 14.64 -19.32
CA CYS B 41 2.40 14.24 -19.68
C CYS B 41 2.51 12.75 -19.92
N CYS B 42 1.36 12.06 -19.90
CA CYS B 42 1.31 10.62 -20.10
C CYS B 42 0.32 10.21 -21.16
N ALA B 43 0.51 8.99 -21.65
CA ALA B 43 -0.36 8.36 -22.63
C ALA B 43 -0.91 7.13 -21.91
N VAL B 44 -2.17 6.79 -22.17
CA VAL B 44 -2.76 5.61 -21.56
C VAL B 44 -3.12 4.62 -22.65
N PHE B 45 -2.75 3.35 -22.43
CA PHE B 45 -2.97 2.30 -23.40
C PHE B 45 -3.78 1.14 -22.86
N ARG B 46 -4.51 0.51 -23.76
CA ARG B 46 -5.30 -0.66 -23.45
C ARG B 46 -4.43 -1.84 -23.88
N LEU B 47 -4.26 -2.83 -23.02
CA LEU B 47 -3.45 -4.00 -23.36
C LEU B 47 -4.31 -5.00 -24.14
N LEU B 48 -3.83 -5.40 -25.32
CA LEU B 48 -4.55 -6.34 -26.16
C LEU B 48 -4.06 -7.77 -25.97
N HIS B 49 -4.69 -8.49 -25.05
CA HIS B 49 -4.33 -9.87 -24.73
C HIS B 49 -4.45 -10.85 -25.89
N GLU B 50 -5.42 -10.65 -26.77
CA GLU B 50 -5.61 -11.52 -27.92
C GLU B 50 -4.53 -11.34 -28.99
N HIS B 51 -3.65 -10.37 -28.77
CA HIS B 51 -2.56 -10.07 -29.70
C HIS B 51 -1.21 -9.96 -28.99
N LYS B 52 -1.03 -10.79 -27.96
CA LYS B 52 0.21 -10.83 -27.18
C LYS B 52 0.74 -9.51 -26.63
N GLY B 53 0.03 -8.98 -25.63
CA GLY B 53 0.43 -7.74 -24.97
C GLY B 53 0.59 -6.47 -25.80
N LYS B 54 0.06 -6.46 -27.01
CA LYS B 54 0.15 -5.28 -27.87
C LYS B 54 -0.66 -4.15 -27.23
N LYS B 55 -0.12 -2.92 -27.26
CA LYS B 55 -0.81 -1.77 -26.68
C LYS B 55 -1.57 -0.94 -27.69
N ALA B 56 -2.76 -0.49 -27.31
CA ALA B 56 -3.61 0.34 -28.15
C ALA B 56 -3.89 1.62 -27.37
N ARG B 57 -3.49 2.76 -27.93
CA ARG B 57 -3.68 4.05 -27.26
C ARG B 57 -5.13 4.50 -27.11
N LEU B 58 -5.45 5.02 -25.93
CA LEU B 58 -6.80 5.50 -25.63
C LEU B 58 -6.81 6.97 -25.31
N ASP B 59 -7.97 7.58 -25.44
CA ASP B 59 -8.15 8.98 -25.13
C ASP B 59 -8.38 9.06 -23.62
N TRP B 60 -7.81 10.08 -22.97
CA TRP B 60 -7.98 10.26 -21.53
C TRP B 60 -9.43 10.53 -21.16
N ASN B 61 -10.22 10.97 -22.13
CA ASN B 61 -11.63 11.28 -21.89
C ASN B 61 -12.57 10.11 -22.18
N THR B 62 -11.99 8.93 -22.41
CA THR B 62 -12.78 7.73 -22.68
C THR B 62 -13.73 7.43 -21.52
N ASP B 63 -14.93 6.94 -21.84
CA ASP B 63 -15.90 6.59 -20.81
C ASP B 63 -15.34 5.37 -20.06
N ALA B 64 -15.13 5.52 -18.76
CA ALA B 64 -14.54 4.46 -17.94
C ALA B 64 -15.34 3.16 -17.86
N ALA B 65 -16.68 3.27 -17.76
CA ALA B 65 -17.53 2.09 -17.68
C ALA B 65 -17.32 1.14 -18.85
N SER B 66 -16.92 1.69 -19.99
CA SER B 66 -16.66 0.90 -21.19
C SER B 66 -15.35 0.13 -21.11
N LEU B 67 -14.54 0.42 -20.10
CA LEU B 67 -13.24 -0.23 -19.92
C LEU B 67 -13.17 -1.19 -18.75
N ILE B 68 -14.31 -1.45 -18.11
CA ILE B 68 -14.35 -2.37 -16.97
C ILE B 68 -13.80 -3.73 -17.37
N GLY B 69 -12.88 -4.25 -16.58
CA GLY B 69 -12.28 -5.54 -16.87
C GLY B 69 -11.05 -5.44 -17.75
N GLU B 70 -10.81 -4.27 -18.35
CA GLU B 70 -9.63 -4.09 -19.20
C GLU B 70 -8.40 -3.81 -18.32
N GLU B 71 -7.23 -4.12 -18.84
CA GLU B 71 -5.98 -3.86 -18.13
C GLU B 71 -5.28 -2.78 -18.93
N LEU B 72 -4.95 -1.68 -18.28
CA LEU B 72 -4.33 -0.56 -18.94
C LEU B 72 -2.91 -0.31 -18.49
N GLN B 73 -2.21 0.52 -19.26
N GLN B 73 -2.22 0.54 -19.24
CA GLN B 73 -0.83 0.88 -18.95
CA GLN B 73 -0.85 0.90 -18.94
C GLN B 73 -0.63 2.36 -19.25
C GLN B 73 -0.65 2.37 -19.24
N VAL B 74 -0.08 3.09 -18.28
CA VAL B 74 0.19 4.51 -18.44
C VAL B 74 1.70 4.69 -18.61
N ASP B 75 2.09 5.33 -19.71
CA ASP B 75 3.50 5.60 -20.02
C ASP B 75 3.67 7.10 -20.19
N PHE B 76 4.89 7.59 -20.00
CA PHE B 76 5.18 9.02 -20.17
C PHE B 76 5.27 9.32 -21.66
N LEU B 77 4.93 10.55 -22.04
CA LEU B 77 5.03 10.96 -23.43
C LEU B 77 6.50 11.28 -23.73
MG MG C . -5.84 2.22 1.95
PG GTP D . -8.30 0.76 3.66
O1G GTP D . -9.77 0.76 3.38
O2G GTP D . -7.51 0.94 2.42
O3G GTP D . -8.00 -0.63 4.30
O3B GTP D . -8.01 1.91 4.86
PB GTP D . -6.54 2.56 5.21
O1B GTP D . -6.02 1.65 6.23
O2B GTP D . -5.69 2.60 4.07
O3A GTP D . -6.59 4.03 5.80
PA GTP D . -6.51 5.49 4.99
O1A GTP D . -5.07 5.87 4.91
O2A GTP D . -7.40 5.55 3.83
O5' GTP D . -7.13 6.55 5.99
C5' GTP D . -8.45 6.48 6.52
C4' GTP D . -8.65 7.73 7.35
O4' GTP D . -7.76 7.94 8.51
C3' GTP D . -8.46 8.90 6.38
O3' GTP D . -9.63 9.74 6.51
C2' GTP D . -7.12 9.53 6.81
O2' GTP D . -7.03 10.97 6.51
C1' GTP D . -7.10 9.19 8.31
N9 GTP D . -5.79 8.96 8.84
C8 GTP D . -4.82 8.10 8.46
N7 GTP D . -3.72 8.14 9.16
C5 GTP D . -4.00 9.12 10.09
C6 GTP D . -3.22 9.64 11.15
O6 GTP D . -2.11 9.35 11.50
N1 GTP D . -3.87 10.63 11.86
C2 GTP D . -5.17 11.08 11.59
N2 GTP D . -5.71 12.03 12.37
N3 GTP D . -5.90 10.57 10.59
C4 GTP D . -5.27 9.61 9.89
CA CA E . -9.14 -8.29 -18.71
#